data_9RQB
#
_entry.id   9RQB
#
_cell.length_a   68.008
_cell.length_b   89.688
_cell.length_c   44.936
_cell.angle_alpha   90.000
_cell.angle_beta   90.000
_cell.angle_gamma   90.000
#
_symmetry.space_group_name_H-M   'P 21 21 2'
#
loop_
_entity.id
_entity.type
_entity.pdbx_description
1 polymer 'FosA family fosfomycin resistance glutathione transferase'
2 non-polymer (1~{S})-1-[4-(cyclopropylmethoxy)-3-fluoranyl-phenyl]ethanamine
3 non-polymer 1,2-ETHANEDIOL
4 non-polymer 'MANGANESE (II) ION'
5 non-polymer 'DIMETHYL SULFOXIDE'
6 water water
#
_entity_poly.entity_id   1
_entity_poly.type   'polypeptide(L)'
_entity_poly.pdbx_seq_one_letter_code
;MLSGLNHLTLAVSQLAPSVAFYQQLLGMTLHARWDSGAYLSCGDLWLCLSLDPQRRVTPPEESDYTHYAFSISEADFASF
AARLEAAGVAVWKLNRSEGASHYFLDPDGHKLELHVGSLAQRLAACREQPYKGMVFFEQHHHHHH
;
_entity_poly.pdbx_strand_id   A,B
#
loop_
_chem_comp.id
_chem_comp.type
_chem_comp.name
_chem_comp.formula
A1JH7 non-polymer (1~{S})-1-[4-(cyclopropylmethoxy)-3-fluoranyl-phenyl]ethanamine 'C12 H16 F N O'
DMS non-polymer 'DIMETHYL SULFOXIDE' 'C2 H6 O S'
EDO non-polymer 1,2-ETHANEDIOL 'C2 H6 O2'
MN non-polymer 'MANGANESE (II) ION' 'Mn 2'
#
# COMPACT_ATOMS: atom_id res chain seq x y z
N MET A 1 14.57 -8.35 -10.05
CA MET A 1 13.14 -8.56 -10.36
C MET A 1 12.27 -8.40 -9.12
N LEU A 2 11.24 -7.57 -9.24
CA LEU A 2 10.36 -7.34 -8.11
C LEU A 2 9.34 -8.46 -8.02
N SER A 3 8.97 -8.84 -6.78
N SER A 3 9.03 -8.87 -6.79
CA SER A 3 8.18 -10.05 -6.60
CA SER A 3 7.99 -9.87 -6.64
C SER A 3 6.87 -9.85 -5.87
C SER A 3 7.20 -9.57 -5.38
N GLY A 4 6.59 -8.67 -5.36
N GLY A 4 6.09 -8.87 -5.56
CA GLY A 4 5.33 -8.38 -4.69
CA GLY A 4 5.16 -8.63 -4.49
C GLY A 4 5.54 -7.25 -3.71
C GLY A 4 5.52 -7.43 -3.66
N LEU A 5 4.55 -7.07 -2.83
CA LEU A 5 4.68 -6.02 -1.82
C LEU A 5 5.38 -6.64 -0.60
N ASN A 6 6.52 -6.07 -0.25
CA ASN A 6 7.24 -6.52 0.94
C ASN A 6 6.56 -6.04 2.21
N HIS A 7 6.16 -4.77 2.24
CA HIS A 7 5.40 -4.22 3.36
C HIS A 7 4.72 -2.93 2.95
N LEU A 8 3.66 -2.60 3.69
CA LEU A 8 2.96 -1.33 3.62
C LEU A 8 3.25 -0.59 4.91
N THR A 9 3.75 0.64 4.82
CA THR A 9 3.96 1.47 6.00
C THR A 9 3.05 2.67 5.95
N LEU A 10 2.27 2.84 7.00
CA LEU A 10 1.37 3.98 7.14
C LEU A 10 1.91 4.87 8.24
N ALA A 11 2.09 6.14 7.91
CA ALA A 11 2.40 7.15 8.92
C ALA A 11 1.15 7.43 9.75
N VAL A 12 1.29 7.47 11.07
CA VAL A 12 0.17 7.70 11.96
C VAL A 12 0.50 8.85 12.91
N SER A 13 -0.51 9.60 13.33
CA SER A 13 -0.31 10.74 14.20
C SER A 13 -0.33 10.34 15.66
N GLN A 14 -1.05 9.28 16.02
CA GLN A 14 -1.15 8.80 17.39
C GLN A 14 -1.09 7.28 17.36
N LEU A 15 -0.05 6.70 17.96
CA LEU A 15 0.20 5.29 17.74
C LEU A 15 -0.89 4.43 18.34
N ALA A 16 -1.26 4.69 19.57
CA ALA A 16 -2.16 3.77 20.27
C ALA A 16 -3.52 3.66 19.58
N PRO A 17 -4.19 4.76 19.24
CA PRO A 17 -5.46 4.62 18.52
C PRO A 17 -5.32 3.91 17.19
N SER A 18 -4.21 4.11 16.48
N SER A 18 -4.19 4.10 16.51
CA SER A 18 -4.03 3.41 15.22
CA SER A 18 -3.98 3.44 15.23
C SER A 18 -3.81 1.92 15.44
C SER A 18 -3.79 1.94 15.43
N VAL A 19 -3.00 1.55 16.43
CA VAL A 19 -2.86 0.12 16.73
C VAL A 19 -4.23 -0.47 17.05
N ALA A 20 -5.02 0.23 17.86
CA ALA A 20 -6.32 -0.30 18.23
C ALA A 20 -7.21 -0.48 17.01
N PHE A 21 -7.15 0.46 16.08
CA PHE A 21 -7.98 0.37 14.90
C PHE A 21 -7.64 -0.86 14.08
N TYR A 22 -6.36 -1.04 13.78
CA TYR A 22 -5.95 -2.15 12.93
C TYR A 22 -6.07 -3.49 13.63
N GLN A 23 -5.73 -3.56 14.92
CA GLN A 23 -5.77 -4.82 15.64
C GLN A 23 -7.18 -5.13 16.15
N GLN A 24 -7.76 -4.23 16.97
CA GLN A 24 -9.05 -4.55 17.58
C GLN A 24 -10.18 -4.45 16.57
N LEU A 25 -10.23 -3.37 15.82
CA LEU A 25 -11.39 -3.15 14.97
C LEU A 25 -11.32 -3.97 13.68
N LEU A 26 -10.16 -3.98 13.02
CA LEU A 26 -10.03 -4.71 11.77
C LEU A 26 -9.56 -6.16 11.96
N GLY A 27 -9.09 -6.53 13.16
CA GLY A 27 -8.77 -7.92 13.44
C GLY A 27 -7.39 -8.37 12.96
N MET A 28 -6.52 -7.43 12.63
CA MET A 28 -5.18 -7.82 12.22
C MET A 28 -4.38 -8.33 13.40
N THR A 29 -3.31 -9.05 13.11
CA THR A 29 -2.49 -9.67 14.15
C THR A 29 -1.39 -8.69 14.55
N LEU A 30 -1.31 -8.36 15.83
CA LEU A 30 -0.26 -7.49 16.33
C LEU A 30 0.94 -8.33 16.76
N HIS A 31 2.12 -8.03 16.22
CA HIS A 31 3.33 -8.76 16.57
C HIS A 31 4.25 -8.01 17.51
N ALA A 32 4.31 -6.69 17.38
CA ALA A 32 5.21 -5.92 18.21
C ALA A 32 4.80 -4.45 18.16
N ARG A 33 5.07 -3.76 19.26
N ARG A 33 5.08 -3.75 19.25
CA ARG A 33 4.92 -2.32 19.32
CA ARG A 33 4.92 -2.30 19.26
C ARG A 33 6.21 -1.77 19.90
C ARG A 33 6.05 -1.69 20.07
N TRP A 34 6.43 -0.47 19.70
CA TRP A 34 7.52 0.25 20.35
C TRP A 34 7.10 1.70 20.42
N ASP A 35 7.97 2.53 20.96
CA ASP A 35 7.51 3.88 21.28
C ASP A 35 7.12 4.64 20.03
N SER A 36 7.66 4.24 18.88
N SER A 36 7.64 4.26 18.86
CA SER A 36 7.42 4.96 17.63
CA SER A 36 7.29 5.01 17.67
C SER A 36 6.80 4.13 16.51
C SER A 36 6.82 4.12 16.51
N GLY A 37 6.26 2.95 16.79
CA GLY A 37 5.64 2.19 15.72
C GLY A 37 5.07 0.88 16.18
N ALA A 38 4.57 0.13 15.21
CA ALA A 38 4.07 -1.22 15.47
C ALA A 38 4.17 -2.03 14.20
N TYR A 39 4.29 -3.34 14.36
CA TYR A 39 4.26 -4.29 13.26
C TYR A 39 3.05 -5.19 13.42
N LEU A 40 2.26 -5.31 12.35
CA LEU A 40 1.09 -6.16 12.31
C LEU A 40 1.16 -7.01 11.05
N SER A 41 0.34 -8.06 11.01
CA SER A 41 0.15 -8.78 9.77
C SER A 41 -1.34 -9.00 9.53
N CYS A 42 -1.64 -9.16 8.26
CA CYS A 42 -3.01 -9.44 7.80
C CYS A 42 -2.81 -10.47 6.69
N GLY A 43 -3.02 -11.74 7.01
CA GLY A 43 -2.57 -12.78 6.10
C GLY A 43 -1.09 -12.60 5.84
N ASP A 44 -0.73 -12.58 4.54
N ASP A 44 -0.70 -12.59 4.56
CA ASP A 44 0.67 -12.43 4.13
CA ASP A 44 0.71 -12.43 4.21
C ASP A 44 1.15 -10.99 4.17
C ASP A 44 1.15 -10.97 4.14
N LEU A 45 0.26 -10.01 4.37
CA LEU A 45 0.66 -8.62 4.40
C LEU A 45 1.39 -8.24 5.69
N TRP A 46 2.56 -7.64 5.55
CA TRP A 46 3.29 -6.98 6.64
C TRP A 46 2.90 -5.51 6.64
N LEU A 47 2.20 -5.09 7.69
CA LEU A 47 1.82 -3.71 7.91
C LEU A 47 2.68 -3.11 9.01
N CYS A 48 3.24 -1.94 8.72
N CYS A 48 3.27 -1.96 8.72
CA CYS A 48 3.97 -1.16 9.70
CA CYS A 48 3.97 -1.17 9.71
C CYS A 48 3.21 0.13 9.94
C CYS A 48 3.20 0.11 9.93
N LEU A 49 2.97 0.46 11.20
CA LEU A 49 2.43 1.74 11.60
C LEU A 49 3.61 2.53 12.15
N SER A 50 3.86 3.72 11.60
CA SER A 50 5.04 4.49 11.97
C SER A 50 4.60 5.84 12.50
N LEU A 51 4.90 6.11 13.78
CA LEU A 51 4.52 7.37 14.38
C LEU A 51 5.30 8.48 13.68
N ASP A 52 4.58 9.44 13.13
CA ASP A 52 5.20 10.48 12.32
C ASP A 52 4.60 11.82 12.72
N PRO A 53 5.39 12.73 13.32
CA PRO A 53 4.84 14.05 13.64
C PRO A 53 4.34 14.81 12.43
N GLN A 54 4.73 14.42 11.22
N GLN A 54 4.72 14.42 11.21
CA GLN A 54 4.25 15.10 10.02
CA GLN A 54 4.26 15.10 10.01
C GLN A 54 2.89 14.59 9.54
C GLN A 54 2.95 14.53 9.46
N ARG A 55 2.43 13.46 10.04
CA ARG A 55 1.11 12.98 9.62
C ARG A 55 -0.02 13.89 10.08
N ARG A 56 -0.85 14.29 9.13
CA ARG A 56 -2.03 15.09 9.40
C ARG A 56 -3.28 14.25 9.27
N VAL A 57 -4.23 14.49 10.16
CA VAL A 57 -5.55 13.88 10.06
C VAL A 57 -6.25 14.55 8.89
N THR A 58 -6.51 13.79 7.82
CA THR A 58 -6.80 14.37 6.53
C THR A 58 -8.20 14.01 6.08
N PRO A 59 -9.10 14.98 5.91
CA PRO A 59 -10.42 14.65 5.39
C PRO A 59 -10.31 14.09 3.99
N PRO A 60 -11.26 13.24 3.58
CA PRO A 60 -11.11 12.52 2.31
C PRO A 60 -11.23 13.44 1.11
N GLU A 61 -11.86 14.59 1.24
CA GLU A 61 -11.93 15.54 0.14
C GLU A 61 -10.61 16.27 -0.09
N GLU A 62 -9.66 16.17 0.85
CA GLU A 62 -8.34 16.82 0.76
C GLU A 62 -7.24 15.86 0.35
N SER A 63 -7.54 14.60 0.13
CA SER A 63 -6.57 13.63 -0.31
C SER A 63 -6.99 13.08 -1.66
N ASP A 64 -6.02 12.59 -2.42
CA ASP A 64 -6.27 11.97 -3.71
C ASP A 64 -6.79 10.55 -3.52
N TYR A 65 -6.97 9.83 -4.62
CA TYR A 65 -7.62 8.52 -4.63
C TYR A 65 -6.72 7.37 -4.17
N THR A 66 -5.47 7.63 -3.79
CA THR A 66 -4.59 6.56 -3.32
C THR A 66 -5.27 5.84 -2.17
N HIS A 67 -5.30 4.51 -2.21
CA HIS A 67 -6.01 3.74 -1.19
C HIS A 67 -5.50 2.32 -1.12
N TYR A 68 -5.88 1.65 -0.02
CA TYR A 68 -5.37 0.32 0.33
C TYR A 68 -6.56 -0.58 0.58
N ALA A 69 -6.71 -1.62 -0.22
CA ALA A 69 -7.84 -2.55 -0.11
C ALA A 69 -7.38 -3.86 0.51
N PHE A 70 -8.22 -4.37 1.43
CA PHE A 70 -7.97 -5.64 2.12
C PHE A 70 -8.99 -6.66 1.63
N SER A 71 -8.53 -7.89 1.47
CA SER A 71 -9.37 -8.96 0.99
C SER A 71 -10.26 -9.53 2.09
N ILE A 72 -11.49 -9.83 1.72
CA ILE A 72 -12.46 -10.45 2.61
C ILE A 72 -13.35 -11.34 1.75
N SER A 73 -13.85 -12.40 2.35
CA SER A 73 -14.65 -13.37 1.61
C SER A 73 -16.05 -12.80 1.35
N GLU A 74 -16.71 -13.40 0.36
CA GLU A 74 -18.08 -13.05 0.09
C GLU A 74 -18.97 -13.30 1.30
N ALA A 75 -18.67 -14.35 2.07
CA ALA A 75 -19.51 -14.69 3.22
C ALA A 75 -19.36 -13.69 4.37
N ASP A 76 -18.19 -13.04 4.49
CA ASP A 76 -17.91 -12.16 5.63
C ASP A 76 -18.08 -10.68 5.31
N PHE A 77 -18.14 -10.32 4.04
CA PHE A 77 -18.06 -8.92 3.61
C PHE A 77 -19.13 -8.05 4.27
N ALA A 78 -20.41 -8.41 4.13
CA ALA A 78 -21.46 -7.49 4.52
C ALA A 78 -21.48 -7.27 6.01
N SER A 79 -21.29 -8.33 6.79
N SER A 79 -21.30 -8.34 6.79
CA SER A 79 -21.37 -8.14 8.25
CA SER A 79 -21.32 -8.22 8.25
C SER A 79 -20.18 -7.36 8.77
C SER A 79 -20.18 -7.33 8.73
N PHE A 80 -19.00 -7.49 8.12
CA PHE A 80 -17.83 -6.72 8.54
C PHE A 80 -18.05 -5.25 8.21
N ALA A 81 -18.53 -4.96 7.00
CA ALA A 81 -18.86 -3.60 6.64
C ALA A 81 -19.90 -3.00 7.58
N ALA A 82 -20.95 -3.77 7.89
CA ALA A 82 -22.00 -3.23 8.75
C ALA A 82 -21.49 -2.97 10.16
N ARG A 83 -20.56 -3.80 10.63
CA ARG A 83 -19.95 -3.59 11.94
C ARG A 83 -19.11 -2.32 11.95
N LEU A 84 -18.33 -2.07 10.88
CA LEU A 84 -17.60 -0.81 10.82
C LEU A 84 -18.57 0.37 10.84
N GLU A 85 -19.66 0.29 10.06
CA GLU A 85 -20.64 1.37 10.05
C GLU A 85 -21.22 1.59 11.43
N ALA A 86 -21.62 0.51 12.10
CA ALA A 86 -22.23 0.64 13.41
C ALA A 86 -21.24 1.21 14.43
N ALA A 87 -19.95 1.00 14.21
CA ALA A 87 -18.93 1.54 15.12
C ALA A 87 -18.57 2.99 14.81
N GLY A 88 -19.20 3.58 13.80
CA GLY A 88 -18.99 4.98 13.49
C GLY A 88 -17.80 5.28 12.61
N VAL A 89 -17.25 4.27 11.95
CA VAL A 89 -16.10 4.47 11.07
C VAL A 89 -16.52 5.32 9.88
N ALA A 90 -15.76 6.39 9.63
CA ALA A 90 -16.09 7.33 8.57
C ALA A 90 -15.85 6.69 7.22
N VAL A 91 -16.53 7.23 6.23
N VAL A 91 -16.54 7.21 6.20
CA VAL A 91 -16.39 6.66 4.91
CA VAL A 91 -16.55 6.61 4.86
C VAL A 91 -15.84 7.69 3.95
C VAL A 91 -16.25 7.68 3.83
N TRP A 92 -15.67 7.26 2.71
CA TRP A 92 -15.15 8.18 1.73
C TRP A 92 -15.66 7.89 0.36
N LYS A 93 -16.34 6.77 0.15
CA LYS A 93 -16.86 6.52 -1.20
C LYS A 93 -18.04 5.57 -1.09
N LEU A 94 -19.03 5.78 -1.94
CA LEU A 94 -20.24 4.96 -1.91
C LEU A 94 -20.50 4.16 -3.18
N ASN A 95 -20.15 4.69 -4.34
CA ASN A 95 -20.43 4.09 -5.63
C ASN A 95 -19.48 2.93 -5.85
N ARG A 96 -20.03 1.74 -6.10
CA ARG A 96 -19.20 0.56 -6.37
C ARG A 96 -18.79 0.54 -7.83
N SER A 97 -17.64 1.16 -8.11
CA SER A 97 -17.11 1.27 -9.46
C SER A 97 -16.10 0.18 -9.77
N GLU A 98 -15.76 -0.64 -8.78
CA GLU A 98 -14.76 -1.71 -8.97
C GLU A 98 -15.21 -2.98 -8.26
N GLY A 99 -16.52 -3.24 -8.27
CA GLY A 99 -17.08 -4.44 -7.70
C GLY A 99 -17.53 -4.29 -6.26
N ALA A 100 -17.52 -5.39 -5.53
CA ALA A 100 -18.07 -5.43 -4.17
C ALA A 100 -17.01 -4.86 -3.22
N SER A 101 -17.21 -3.61 -2.81
CA SER A 101 -16.25 -2.89 -2.00
C SER A 101 -16.96 -2.02 -0.96
N HIS A 102 -16.31 -1.86 0.18
CA HIS A 102 -16.72 -0.92 1.22
C HIS A 102 -15.55 0.02 1.48
N TYR A 103 -15.78 1.33 1.36
CA TYR A 103 -14.74 2.33 1.45
C TYR A 103 -14.80 3.04 2.80
N PHE A 104 -13.71 2.97 3.56
CA PHE A 104 -13.73 3.54 4.91
C PHE A 104 -12.38 4.16 5.23
N LEU A 105 -12.37 5.00 6.24
CA LEU A 105 -11.20 5.77 6.64
C LEU A 105 -10.62 5.27 7.97
N ASP A 106 -9.28 5.29 8.07
CA ASP A 106 -8.62 5.03 9.34
C ASP A 106 -8.59 6.35 10.13
N PRO A 107 -8.09 6.33 11.37
CA PRO A 107 -8.18 7.53 12.23
C PRO A 107 -7.47 8.74 11.67
N ASP A 108 -6.47 8.55 10.85
CA ASP A 108 -5.75 9.66 10.22
C ASP A 108 -6.27 9.99 8.83
N GLY A 109 -7.30 9.33 8.38
CA GLY A 109 -7.83 9.58 7.06
C GLY A 109 -7.19 8.74 5.97
N HIS A 110 -6.34 7.78 6.30
CA HIS A 110 -5.89 6.87 5.24
C HIS A 110 -7.10 6.21 4.62
N LYS A 111 -7.14 6.13 3.30
CA LYS A 111 -8.26 5.58 2.57
C LYS A 111 -8.11 4.09 2.45
N LEU A 112 -9.05 3.35 3.06
CA LEU A 112 -9.06 1.91 3.10
C LEU A 112 -10.28 1.38 2.38
N GLU A 113 -10.26 0.08 2.12
CA GLU A 113 -11.33 -0.59 1.40
C GLU A 113 -11.36 -2.04 1.82
N LEU A 114 -12.57 -2.58 1.96
CA LEU A 114 -12.81 -4.03 1.95
C LEU A 114 -13.23 -4.41 0.54
N HIS A 115 -12.61 -5.42 -0.05
CA HIS A 115 -12.99 -5.84 -1.38
C HIS A 115 -13.07 -7.35 -1.48
N VAL A 116 -14.11 -7.82 -2.16
CA VAL A 116 -14.31 -9.24 -2.47
C VAL A 116 -13.86 -9.46 -3.90
N GLY A 117 -12.84 -10.30 -4.10
CA GLY A 117 -12.47 -10.73 -5.43
C GLY A 117 -11.03 -10.46 -5.79
N SER A 118 -10.51 -11.26 -6.72
CA SER A 118 -9.14 -11.15 -7.17
C SER A 118 -9.03 -10.26 -8.41
N LEU A 119 -7.78 -10.03 -8.83
CA LEU A 119 -7.56 -9.31 -10.07
C LEU A 119 -8.13 -10.07 -11.25
N ALA A 120 -7.95 -11.40 -11.27
CA ALA A 120 -8.51 -12.17 -12.38
C ALA A 120 -10.01 -12.00 -12.44
N GLN A 121 -10.68 -12.01 -11.29
CA GLN A 121 -12.13 -11.87 -11.25
C GLN A 121 -12.53 -10.48 -11.70
N ARG A 122 -11.77 -9.47 -11.30
N ARG A 122 -11.77 -9.47 -11.30
CA ARG A 122 -12.08 -8.12 -11.75
CA ARG A 122 -12.03 -8.10 -11.74
C ARG A 122 -11.92 -8.00 -13.26
C ARG A 122 -11.91 -7.99 -13.25
N LEU A 123 -10.85 -8.54 -13.83
CA LEU A 123 -10.67 -8.49 -15.27
C LEU A 123 -11.83 -9.18 -15.98
N ALA A 124 -12.27 -10.33 -15.49
CA ALA A 124 -13.38 -11.01 -16.13
C ALA A 124 -14.64 -10.17 -16.05
N ALA A 125 -14.88 -9.56 -14.91
CA ALA A 125 -16.07 -8.73 -14.79
C ALA A 125 -15.97 -7.56 -15.75
N CYS A 126 -14.77 -7.00 -15.90
CA CYS A 126 -14.58 -5.84 -16.77
C CYS A 126 -14.74 -6.18 -18.23
N ARG A 127 -14.47 -7.42 -18.63
CA ARG A 127 -14.73 -7.79 -20.01
C ARG A 127 -16.20 -7.58 -20.36
N GLU A 128 -17.11 -7.82 -19.41
CA GLU A 128 -18.53 -7.64 -19.67
C GLU A 128 -18.98 -6.20 -19.44
N GLN A 129 -18.39 -5.54 -18.46
CA GLN A 129 -18.71 -4.17 -18.06
C GLN A 129 -17.39 -3.40 -17.98
N PRO A 130 -16.81 -3.10 -19.13
CA PRO A 130 -15.49 -2.47 -19.12
C PRO A 130 -15.55 -1.00 -18.76
N TYR A 131 -14.45 -0.52 -18.21
N TYR A 131 -14.44 -0.52 -18.20
CA TYR A 131 -14.29 0.90 -18.02
CA TYR A 131 -14.28 0.91 -18.04
C TYR A 131 -14.07 1.55 -19.39
C TYR A 131 -14.22 1.53 -19.43
N LYS A 132 -14.41 2.84 -19.50
CA LYS A 132 -14.31 3.52 -20.79
C LYS A 132 -12.92 3.41 -21.42
N GLY A 133 -12.88 2.93 -22.66
CA GLY A 133 -11.61 2.81 -23.34
C GLY A 133 -10.76 1.63 -22.95
N MET A 134 -11.33 0.65 -22.25
CA MET A 134 -10.50 -0.41 -21.69
C MET A 134 -9.94 -1.34 -22.76
N VAL A 135 -8.65 -1.64 -22.62
N VAL A 135 -8.66 -1.64 -22.62
CA VAL A 135 -7.95 -2.64 -23.42
CA VAL A 135 -7.98 -2.64 -23.42
C VAL A 135 -7.33 -3.66 -22.47
C VAL A 135 -7.33 -3.66 -22.48
N PHE A 136 -7.35 -4.92 -22.90
CA PHE A 136 -6.82 -6.03 -22.14
C PHE A 136 -5.59 -6.55 -22.85
N PHE A 137 -4.53 -6.79 -22.10
CA PHE A 137 -3.30 -7.28 -22.69
C PHE A 137 -3.22 -8.75 -22.36
N MET B 1 -13.43 -11.64 8.32
CA MET B 1 -11.98 -11.67 8.57
C MET B 1 -11.19 -11.21 7.38
N LEU B 2 -10.23 -10.35 7.59
CA LEU B 2 -9.41 -9.88 6.48
C LEU B 2 -8.30 -10.88 6.24
N SER B 3 -8.02 -11.17 4.97
CA SER B 3 -7.11 -12.26 4.62
C SER B 3 -5.83 -11.80 3.94
N GLY B 4 -5.64 -10.51 3.69
CA GLY B 4 -4.45 -9.99 3.07
C GLY B 4 -4.72 -8.66 2.40
N LEU B 5 -3.69 -8.16 1.71
CA LEU B 5 -3.85 -6.98 0.88
C LEU B 5 -4.49 -7.40 -0.43
N ASN B 6 -5.64 -6.82 -0.74
CA ASN B 6 -6.31 -7.12 -2.00
C ASN B 6 -5.70 -6.34 -3.16
N HIS B 7 -5.57 -5.02 -3.02
CA HIS B 7 -4.88 -4.22 -4.01
C HIS B 7 -4.36 -2.93 -3.40
N LEU B 8 -3.34 -2.36 -4.06
CA LEU B 8 -2.83 -1.04 -3.78
C LEU B 8 -3.20 -0.15 -4.95
N THR B 9 -3.84 0.97 -4.69
CA THR B 9 -4.17 1.93 -5.73
C THR B 9 -3.40 3.21 -5.50
N LEU B 10 -2.66 3.64 -6.54
CA LEU B 10 -1.92 4.90 -6.50
C LEU B 10 -2.61 5.90 -7.42
N ALA B 11 -2.95 7.07 -6.87
CA ALA B 11 -3.42 8.17 -7.72
C ALA B 11 -2.24 8.74 -8.49
N VAL B 12 -2.43 8.97 -9.78
CA VAL B 12 -1.37 9.46 -10.65
C VAL B 12 -1.85 10.69 -11.40
N SER B 13 -0.94 11.60 -11.70
CA SER B 13 -1.29 12.83 -12.39
C SER B 13 -1.30 12.65 -13.91
N GLN B 14 -0.46 11.77 -14.43
CA GLN B 14 -0.35 11.52 -15.88
C GLN B 14 -0.20 10.02 -16.07
N LEU B 15 -1.17 9.41 -16.75
CA LEU B 15 -1.19 7.96 -16.82
C LEU B 15 -0.02 7.38 -17.61
N ALA B 16 0.32 7.96 -18.76
CA ALA B 16 1.36 7.38 -19.59
C ALA B 16 2.70 7.27 -18.87
N PRO B 17 3.25 8.33 -18.26
CA PRO B 17 4.54 8.14 -17.56
C PRO B 17 4.45 7.19 -16.41
N SER B 18 3.30 7.13 -15.72
CA SER B 18 3.19 6.20 -14.61
C SER B 18 3.18 4.75 -15.10
N VAL B 19 2.45 4.48 -16.18
CA VAL B 19 2.50 3.13 -16.75
C VAL B 19 3.92 2.79 -17.19
N ALA B 20 4.61 3.73 -17.85
CA ALA B 20 5.97 3.46 -18.26
C ALA B 20 6.87 3.14 -17.07
N PHE B 21 6.71 3.88 -15.97
CA PHE B 21 7.53 3.66 -14.78
C PHE B 21 7.28 2.28 -14.19
N TYR B 22 6.02 1.92 -13.94
CA TYR B 22 5.75 0.65 -13.28
C TYR B 22 5.95 -0.54 -14.19
N GLN B 23 5.51 -0.45 -15.46
CA GLN B 23 5.66 -1.56 -16.39
C GLN B 23 7.08 -1.69 -16.91
N GLN B 24 7.59 -0.63 -17.54
CA GLN B 24 8.86 -0.75 -18.27
C GLN B 24 10.07 -0.63 -17.35
N LEU B 25 10.10 0.39 -16.50
CA LEU B 25 11.25 0.54 -15.61
C LEU B 25 11.24 -0.50 -14.50
N LEU B 26 10.11 -0.65 -13.81
N LEU B 26 10.11 -0.66 -13.81
CA LEU B 26 10.08 -1.56 -12.66
CA LEU B 26 10.07 -1.57 -12.67
C LEU B 26 9.79 -3.01 -13.07
C LEU B 26 9.70 -2.99 -13.04
N GLY B 27 9.27 -3.25 -14.27
CA GLY B 27 9.12 -4.62 -14.77
C GLY B 27 7.81 -5.28 -14.38
N MET B 28 6.83 -4.52 -13.89
CA MET B 28 5.54 -5.09 -13.55
C MET B 28 4.75 -5.45 -14.81
N THR B 29 3.81 -6.38 -14.65
CA THR B 29 3.03 -6.88 -15.77
C THR B 29 1.78 -6.02 -15.93
N LEU B 30 1.57 -5.46 -17.11
CA LEU B 30 0.39 -4.66 -17.42
C LEU B 30 -0.72 -5.57 -17.93
N HIS B 31 -1.83 -5.62 -17.20
CA HIS B 31 -2.96 -6.46 -17.58
C HIS B 31 -4.04 -5.71 -18.34
N ALA B 32 -4.26 -4.45 -18.03
CA ALA B 32 -5.33 -3.71 -18.69
C ALA B 32 -5.08 -2.23 -18.47
N ARG B 33 -5.57 -1.43 -19.41
CA ARG B 33 -5.48 0.03 -19.30
C ARG B 33 -6.76 0.59 -19.88
N TRP B 34 -7.26 1.66 -19.27
CA TRP B 34 -8.44 2.34 -19.76
C TRP B 34 -8.16 3.84 -19.73
N ASP B 35 -9.14 4.63 -20.13
CA ASP B 35 -8.87 6.05 -20.29
C ASP B 35 -8.39 6.67 -18.99
N SER B 36 -8.79 6.15 -17.84
CA SER B 36 -8.42 6.77 -16.58
C SER B 36 -7.70 5.84 -15.61
N GLY B 37 -7.08 4.77 -16.07
CA GLY B 37 -6.28 3.97 -15.13
C GLY B 37 -5.67 2.75 -15.78
N ALA B 38 -5.04 1.94 -14.94
CA ALA B 38 -4.41 0.71 -15.41
C ALA B 38 -4.36 -0.28 -14.26
N TYR B 39 -4.29 -1.55 -14.62
CA TYR B 39 -4.09 -2.65 -13.68
C TYR B 39 -2.78 -3.36 -14.03
N LEU B 40 -1.91 -3.49 -13.05
CA LEU B 40 -0.66 -4.22 -13.17
C LEU B 40 -0.58 -5.25 -12.05
N SER B 41 0.31 -6.21 -12.22
CA SER B 41 0.63 -7.13 -11.14
C SER B 41 2.14 -7.20 -10.96
N CYS B 42 2.52 -7.50 -9.74
CA CYS B 42 3.92 -7.68 -9.37
C CYS B 42 3.89 -8.83 -8.38
N GLY B 43 4.26 -10.02 -8.82
CA GLY B 43 3.98 -11.18 -7.96
C GLY B 43 2.51 -11.22 -7.61
N ASP B 44 2.21 -11.41 -6.33
N ASP B 44 2.20 -11.41 -6.32
CA ASP B 44 0.85 -11.44 -5.82
CA ASP B 44 0.83 -11.42 -5.82
C ASP B 44 0.30 -10.05 -5.52
C ASP B 44 0.20 -10.03 -5.78
N LEU B 45 1.00 -8.97 -5.89
CA LEU B 45 0.46 -7.63 -5.73
C LEU B 45 -0.37 -7.24 -6.94
N TRP B 46 -1.61 -6.84 -6.70
CA TRP B 46 -2.48 -6.19 -7.67
C TRP B 46 -2.32 -4.69 -7.45
N LEU B 47 -1.72 -4.01 -8.43
CA LEU B 47 -1.53 -2.57 -8.40
C LEU B 47 -2.51 -1.91 -9.37
N CYS B 48 -3.17 -0.86 -8.92
N CYS B 48 -3.19 -0.86 -8.91
CA CYS B 48 -4.02 -0.04 -9.76
CA CYS B 48 -4.01 -0.06 -9.79
C CYS B 48 -3.43 1.35 -9.82
C CYS B 48 -3.47 1.36 -9.84
N LEU B 49 -3.27 1.89 -11.04
CA LEU B 49 -2.92 3.28 -11.24
C LEU B 49 -4.20 3.98 -11.63
N SER B 50 -4.56 5.01 -10.90
CA SER B 50 -5.82 5.73 -11.12
C SER B 50 -5.55 7.19 -11.44
N LEU B 51 -5.88 7.59 -12.67
CA LEU B 51 -5.66 8.96 -13.09
C LEU B 51 -6.55 9.89 -12.26
N ASP B 52 -5.94 10.85 -11.62
CA ASP B 52 -6.65 11.68 -10.65
C ASP B 52 -6.13 13.11 -10.75
N PRO B 53 -6.95 14.06 -11.21
N PRO B 53 -6.96 14.04 -11.23
CA PRO B 53 -6.46 15.45 -11.31
CA PRO B 53 -6.55 15.46 -11.22
C PRO B 53 -6.18 16.10 -9.96
C PRO B 53 -6.18 15.98 -9.83
N GLN B 54 -6.61 15.48 -8.86
N GLN B 54 -6.70 15.37 -8.77
CA GLN B 54 -6.25 15.95 -7.55
CA GLN B 54 -6.33 15.76 -7.42
C GLN B 54 -4.85 15.51 -7.12
C GLN B 54 -4.87 15.48 -7.11
N ARG B 55 -4.22 14.59 -7.85
CA ARG B 55 -2.87 14.19 -7.49
C ARG B 55 -1.87 15.30 -7.78
N ARG B 56 -1.14 15.72 -6.76
N ARG B 56 -1.14 15.71 -6.74
CA ARG B 56 -0.07 16.69 -6.90
CA ARG B 56 -0.05 16.67 -6.85
C ARG B 56 1.26 15.96 -6.97
C ARG B 56 1.28 15.93 -6.97
N VAL B 57 2.16 16.45 -7.82
CA VAL B 57 3.52 15.94 -7.86
C VAL B 57 4.20 16.48 -6.59
N THR B 58 4.48 15.58 -5.64
CA THR B 58 4.69 16.01 -4.28
C THR B 58 6.14 15.80 -3.86
N PRO B 59 6.88 16.86 -3.54
CA PRO B 59 8.25 16.67 -3.07
C PRO B 59 8.27 15.82 -1.81
N PRO B 60 9.34 15.06 -1.59
CA PRO B 60 9.34 14.14 -0.45
C PRO B 60 9.35 14.84 0.89
N GLU B 61 9.88 16.07 0.97
CA GLU B 61 9.83 16.81 2.22
C GLU B 61 8.41 17.21 2.59
N GLU B 62 7.49 17.16 1.64
CA GLU B 62 6.12 17.63 1.84
C GLU B 62 5.12 16.51 2.04
N SER B 63 5.56 15.27 2.05
CA SER B 63 4.70 14.14 2.34
C SER B 63 5.21 13.44 3.59
N ASP B 64 4.31 12.71 4.24
CA ASP B 64 4.69 11.95 5.42
C ASP B 64 5.37 10.65 5.01
N TYR B 65 5.68 9.81 6.01
CA TYR B 65 6.51 8.60 5.85
C TYR B 65 5.75 7.43 5.24
N THR B 66 4.47 7.56 4.93
CA THR B 66 3.74 6.48 4.31
C THR B 66 4.46 6.03 3.05
N HIS B 67 4.67 4.72 2.91
CA HIS B 67 5.44 4.25 1.76
C HIS B 67 5.15 2.79 1.48
N TYR B 68 5.57 2.36 0.27
CA TYR B 68 5.23 1.07 -0.30
C TYR B 68 6.52 0.38 -0.69
N ALA B 69 6.81 -0.76 -0.07
CA ALA B 69 8.06 -1.50 -0.29
C ALA B 69 7.76 -2.74 -1.11
N PHE B 70 8.56 -2.95 -2.16
CA PHE B 70 8.50 -4.13 -3.02
C PHE B 70 9.62 -5.09 -2.66
N SER B 71 9.31 -6.38 -2.71
CA SER B 71 10.31 -7.41 -2.43
C SER B 71 11.21 -7.65 -3.63
N ILE B 72 12.49 -7.86 -3.33
CA ILE B 72 13.51 -8.23 -4.29
C ILE B 72 14.49 -9.12 -3.56
N SER B 73 15.14 -10.02 -4.30
CA SER B 73 16.15 -10.85 -3.68
C SER B 73 17.43 -10.06 -3.42
N GLU B 74 18.19 -10.51 -2.43
CA GLU B 74 19.48 -9.87 -2.18
C GLU B 74 20.35 -9.91 -3.41
N ALA B 75 20.31 -11.02 -4.16
CA ALA B 75 21.19 -11.15 -5.32
C ALA B 75 20.84 -10.15 -6.41
N ASP B 76 19.55 -9.76 -6.53
CA ASP B 76 19.13 -8.84 -7.58
C ASP B 76 19.14 -7.38 -7.14
N PHE B 77 19.30 -7.12 -5.86
CA PHE B 77 19.09 -5.77 -5.31
C PHE B 77 20.00 -4.73 -5.96
N ALA B 78 21.31 -4.99 -5.99
CA ALA B 78 22.23 -3.94 -6.39
C ALA B 78 22.05 -3.57 -7.86
N SER B 79 21.80 -4.55 -8.72
N SER B 79 21.83 -4.56 -8.72
CA SER B 79 21.64 -4.19 -10.13
CA SER B 79 21.61 -4.27 -10.13
C SER B 79 20.32 -3.47 -10.36
C SER B 79 20.35 -3.45 -10.32
N PHE B 80 19.29 -3.77 -9.57
CA PHE B 80 18.03 -3.06 -9.76
C PHE B 80 18.17 -1.64 -9.26
N ALA B 81 18.85 -1.45 -8.13
CA ALA B 81 19.11 -0.10 -7.67
C ALA B 81 19.92 0.67 -8.71
N ALA B 82 20.90 0.03 -9.32
CA ALA B 82 21.72 0.73 -10.32
C ALA B 82 20.89 1.10 -11.55
N ARG B 83 19.91 0.26 -11.90
CA ARG B 83 18.97 0.59 -12.98
C ARG B 83 18.18 1.83 -12.66
N LEU B 84 17.66 1.93 -11.44
CA LEU B 84 16.91 3.13 -11.06
C LEU B 84 17.80 4.35 -11.08
N GLU B 85 19.05 4.20 -10.61
N GLU B 85 19.05 4.20 -10.62
CA GLU B 85 19.98 5.32 -10.62
CA GLU B 85 19.96 5.33 -10.64
C GLU B 85 20.29 5.76 -12.05
C GLU B 85 20.29 5.76 -12.06
N ALA B 86 20.50 4.81 -12.96
CA ALA B 86 20.79 5.18 -14.35
C ALA B 86 19.63 5.96 -14.95
N ALA B 87 18.42 5.55 -14.60
CA ALA B 87 17.18 6.20 -15.05
C ALA B 87 16.95 7.54 -14.38
N GLY B 88 17.77 7.93 -13.41
CA GLY B 88 17.62 9.23 -12.80
C GLY B 88 16.52 9.27 -11.77
N VAL B 89 16.15 8.14 -11.20
CA VAL B 89 15.10 8.10 -10.21
C VAL B 89 15.63 8.63 -8.89
N ALA B 90 14.89 9.55 -8.29
CA ALA B 90 15.34 10.19 -7.07
C ALA B 90 15.20 9.30 -5.83
N VAL B 91 16.16 9.43 -4.92
CA VAL B 91 16.16 8.75 -3.62
C VAL B 91 15.66 9.73 -2.57
N TRP B 92 14.84 9.22 -1.65
CA TRP B 92 14.26 10.05 -0.61
C TRP B 92 14.79 9.75 0.80
N LYS B 93 15.62 8.73 0.98
CA LYS B 93 16.11 8.31 2.29
C LYS B 93 17.29 7.36 2.07
N LEU B 94 18.27 7.37 3.00
CA LEU B 94 19.31 6.35 3.03
C LEU B 94 18.92 5.21 3.97
N ASN B 95 19.35 4.00 3.64
CA ASN B 95 19.08 2.87 4.53
C ASN B 95 19.93 2.92 5.81
N ARG B 96 19.26 2.79 6.97
CA ARG B 96 19.91 2.65 8.27
C ARG B 96 19.34 1.52 9.13
N SER B 97 18.55 0.63 8.54
N SER B 97 18.65 0.56 8.54
CA SER B 97 17.86 -0.47 9.23
CA SER B 97 18.00 -0.49 9.32
C SER B 97 18.38 -1.81 8.71
C SER B 97 18.20 -1.81 8.60
N GLU B 98 17.92 -2.91 9.33
CA GLU B 98 18.31 -4.23 8.84
C GLU B 98 17.65 -4.62 7.52
N GLY B 99 18.43 -5.33 6.72
CA GLY B 99 18.01 -5.72 5.40
C GLY B 99 18.26 -4.61 4.40
N ALA B 100 18.73 -4.98 3.23
CA ALA B 100 18.94 -4.01 2.19
C ALA B 100 17.64 -3.27 1.87
N SER B 101 17.75 -1.95 1.73
CA SER B 101 16.63 -1.11 1.32
C SER B 101 17.14 0.02 0.42
N HIS B 102 16.39 0.29 -0.65
CA HIS B 102 16.61 1.40 -1.57
C HIS B 102 15.32 2.22 -1.59
N TYR B 103 15.40 3.51 -1.23
CA TYR B 103 14.23 4.36 -1.07
C TYR B 103 14.11 5.33 -2.23
N PHE B 104 13.10 5.15 -3.06
CA PHE B 104 13.01 5.89 -4.31
C PHE B 104 11.61 6.44 -4.52
N LEU B 105 11.51 7.42 -5.42
CA LEU B 105 10.28 8.14 -5.67
C LEU B 105 9.70 7.80 -7.03
N ASP B 106 8.38 7.67 -7.11
CA ASP B 106 7.71 7.52 -8.40
C ASP B 106 7.49 8.90 -9.02
N PRO B 107 6.94 8.95 -10.25
CA PRO B 107 6.83 10.23 -10.96
C PRO B 107 6.01 11.28 -10.25
N ASP B 108 5.09 10.87 -9.38
CA ASP B 108 4.26 11.78 -8.61
C ASP B 108 4.75 11.98 -7.20
N GLY B 109 5.89 11.40 -6.86
CA GLY B 109 6.41 11.50 -5.52
C GLY B 109 5.90 10.47 -4.56
N HIS B 110 5.22 9.42 -5.05
CA HIS B 110 4.87 8.35 -4.11
C HIS B 110 6.17 7.76 -3.60
N LYS B 111 6.23 7.52 -2.30
CA LYS B 111 7.43 6.97 -1.67
C LYS B 111 7.44 5.46 -1.78
N LEU B 112 8.45 4.94 -2.49
CA LEU B 112 8.64 3.53 -2.72
C LEU B 112 9.93 3.05 -2.07
N GLU B 113 10.07 1.74 -2.01
CA GLU B 113 11.22 1.10 -1.40
C GLU B 113 11.41 -0.24 -2.07
N LEU B 114 12.66 -0.62 -2.31
CA LEU B 114 13.05 -2.00 -2.53
C LEU B 114 13.56 -2.54 -1.20
N HIS B 115 13.02 -3.67 -0.73
CA HIS B 115 13.52 -4.23 0.52
C HIS B 115 13.76 -5.73 0.38
N VAL B 116 14.84 -6.20 1.02
CA VAL B 116 15.18 -7.60 1.13
C VAL B 116 14.94 -7.99 2.58
N GLY B 117 14.01 -8.89 2.80
CA GLY B 117 13.79 -9.42 4.12
C GLY B 117 12.33 -9.39 4.51
N SER B 118 11.94 -10.38 5.29
CA SER B 118 10.56 -10.60 5.70
C SER B 118 10.28 -10.00 7.08
N LEU B 119 8.99 -10.00 7.46
CA LEU B 119 8.62 -9.65 8.81
C LEU B 119 9.29 -10.56 9.83
N ALA B 120 9.34 -11.87 9.58
CA ALA B 120 10.01 -12.79 10.50
C ALA B 120 11.46 -12.38 10.72
N GLN B 121 12.14 -11.98 9.64
CA GLN B 121 13.54 -11.58 9.75
C GLN B 121 13.66 -10.33 10.59
N ARG B 122 12.76 -9.37 10.37
CA ARG B 122 12.79 -8.14 11.15
C ARG B 122 12.50 -8.41 12.62
N LEU B 123 11.49 -9.23 12.91
CA LEU B 123 11.18 -9.54 14.29
C LEU B 123 12.34 -10.24 14.97
N ALA B 124 13.03 -11.13 14.26
CA ALA B 124 14.16 -11.83 14.87
C ALA B 124 15.27 -10.85 15.23
N ALA B 125 15.55 -9.89 14.34
CA ALA B 125 16.56 -8.88 14.63
C ALA B 125 16.13 -8.00 15.80
N CYS B 126 14.84 -7.69 15.88
CA CYS B 126 14.33 -6.84 16.95
C CYS B 126 14.37 -7.54 18.29
N ARG B 127 14.12 -8.85 18.31
N ARG B 127 14.11 -8.85 18.30
CA ARG B 127 14.20 -9.59 19.56
CA ARG B 127 14.21 -9.58 19.56
C ARG B 127 15.60 -9.51 20.14
C ARG B 127 15.61 -9.48 20.13
N GLU B 128 16.61 -9.55 19.25
CA GLU B 128 18.01 -9.46 19.70
C GLU B 128 18.41 -8.06 20.10
N GLN B 129 17.83 -7.05 19.47
CA GLN B 129 18.18 -5.65 19.71
C GLN B 129 16.90 -4.82 19.68
N PRO B 130 16.13 -4.84 20.74
CA PRO B 130 14.80 -4.23 20.68
C PRO B 130 14.86 -2.72 20.60
N TYR B 131 13.93 -2.15 19.81
CA TYR B 131 13.80 -0.72 19.74
C TYR B 131 13.35 -0.19 21.10
N LYS B 132 13.49 1.12 21.31
CA LYS B 132 13.08 1.71 22.59
C LYS B 132 11.59 1.51 22.81
N GLY B 133 11.25 0.96 23.97
CA GLY B 133 9.88 0.66 24.33
C GLY B 133 9.28 -0.56 23.68
N MET B 134 10.09 -1.42 23.08
CA MET B 134 9.55 -2.52 22.31
C MET B 134 8.98 -3.62 23.20
N VAL B 135 7.79 -4.08 22.82
N VAL B 135 7.78 -4.06 22.88
CA VAL B 135 7.05 -5.16 23.44
CA VAL B 135 7.20 -5.25 23.47
C VAL B 135 6.60 -6.10 22.33
C VAL B 135 6.62 -6.11 22.36
N PHE B 136 6.69 -7.40 22.56
CA PHE B 136 6.28 -8.41 21.59
C PHE B 136 5.00 -9.10 22.07
N PHE B 137 4.22 -9.60 21.11
CA PHE B 137 2.93 -10.21 21.40
C PHE B 137 2.89 -11.58 20.74
C10 A1JH7 C . -0.90 -2.27 23.18
C11 A1JH7 C . -1.51 -2.91 21.96
C9 A1JH7 C . -0.57 -3.14 24.36
C15 A1JH7 C . 2.36 0.27 26.09
C12 A1JH7 C . -0.10 -2.42 21.92
C13 A1JH7 C . 2.10 -0.93 25.49
C2 A1JH7 C . 1.52 2.36 27.27
C4 A1JH7 C . 1.31 0.99 26.65
C5 A1JH7 C . 0.02 0.47 26.58
C7 A1JH7 C . 0.82 -1.46 25.41
C1 A1JH7 C . 2.47 3.26 26.47
C6 A1JH7 C . -0.22 -0.74 25.97
F14 A1JH7 C . 3.12 -1.67 25.01
N3 A1JH7 C . 2.04 2.25 28.67
O8 A1JH7 C . 0.70 -2.72 24.87
H10 A1JH7 C . -1.21 -1.38 23.43
H11B A1JH7 C . -2.18 -2.40 21.45
H11A A1JH7 C . -1.66 -3.87 21.96
H9A A1JH7 C . -1.27 -3.03 25.04
H9B A1JH7 C . -0.53 -4.08 24.08
H15 A1JH7 C . 3.28 0.58 26.10
H12A A1JH7 C . 0.10 -1.61 21.41
H12B A1JH7 C . 0.62 -3.08 21.91
H2 A1JH7 C . 0.67 2.81 27.34
H5 A1JH7 C . -0.73 0.95 26.95
H1A A1JH7 C . 3.39 2.97 26.53
H1B A1JH7 C . 2.43 4.18 26.77
H1C A1JH7 C . 2.24 3.28 25.52
H6 A1JH7 C . -1.14 -1.07 25.95
H3B A1JH7 C . 2.91 2.08 28.66
H3A A1JH7 C . 1.63 1.59 29.10
H3C A1JH7 C . 1.90 2.99 29.10
C1 EDO D . 8.70 9.17 11.20
O1 EDO D . 7.78 8.14 10.93
C2 EDO D . 9.90 9.12 10.27
O2 EDO D . 10.35 7.78 10.21
H11 EDO D . 9.03 9.09 12.11
H12 EDO D . 8.29 10.04 11.12
HO1 EDO D . 7.09 8.26 11.41
H21 EDO D . 10.57 9.73 10.62
H22 EDO D . 9.63 9.47 9.41
HO2 EDO D . 11.03 7.75 9.71
MN MN E . -9.94 -0.10 -4.67
S DMS F . -2.21 -11.68 -8.36
O DMS F . -3.65 -12.10 -8.25
C1 DMS F . -2.33 -9.89 -8.17
C2 DMS F . -1.76 -11.57 -10.11
H11 DMS F . -1.57 -9.46 -8.60
H12 DMS F . -2.33 -9.65 -7.23
H13 DMS F . -3.15 -9.57 -8.58
H21 DMS F . -2.20 -10.81 -10.51
H22 DMS F . -2.04 -12.38 -10.57
H23 DMS F . -0.79 -11.47 -10.20
MN MN G . 9.96 0.46 4.76
#